data_3P0C
#
_entry.id   3P0C
#
_cell.length_a   57.880
_cell.length_b   64.780
_cell.length_c   80.680
_cell.angle_alpha   90.00
_cell.angle_beta   90.00
_cell.angle_gamma   90.00
#
_symmetry.space_group_name_H-M   'P 21 21 21'
#
loop_
_entity.id
_entity.type
_entity.pdbx_description
1 polymer Nischarin
2 non-polymer GLYCEROL
3 water water
#
_entity_poly.entity_id   1
_entity_poly.type   'polypeptide(L)'
_entity_poly.pdbx_seq_one_letter_code
;MHHHHHHSSGVDLGTENLYFQSMEARVVGSELVDTYTVYIIQVTDGSHEWTVKHRYSDFHDLHEKLVAERKIDKNLLPPK
KIIGKNSRSLVEKREKDLEVYLQKLLAAFPGVTPRVLAHFLHFHFYEING
;
_entity_poly.pdbx_strand_id   A,B
#
loop_
_chem_comp.id
_chem_comp.type
_chem_comp.name
_chem_comp.formula
GOL non-polymer GLYCEROL 'C3 H8 O3'
#
# COMPACT_ATOMS: atom_id res chain seq x y z
N ASN A 17 -8.67 -20.62 -27.44
CA ASN A 17 -8.90 -21.08 -26.08
C ASN A 17 -8.19 -20.20 -25.05
N LEU A 18 -6.98 -20.61 -24.68
CA LEU A 18 -6.09 -19.78 -23.88
C LEU A 18 -5.29 -18.87 -24.83
N TYR A 19 -5.46 -17.56 -24.69
CA TYR A 19 -4.76 -16.65 -25.59
C TYR A 19 -4.03 -15.52 -24.85
N PHE A 20 -4.39 -15.31 -23.58
CA PHE A 20 -3.61 -14.38 -22.76
C PHE A 20 -2.23 -15.00 -22.53
N GLN A 21 -1.18 -14.22 -22.80
CA GLN A 21 0.18 -14.71 -22.61
C GLN A 21 0.67 -14.57 -21.16
N SER A 22 1.94 -14.85 -20.92
CA SER A 22 2.43 -14.92 -19.55
C SER A 22 2.48 -13.55 -18.87
N MET A 23 2.28 -13.55 -17.57
CA MET A 23 2.39 -12.33 -16.77
C MET A 23 3.27 -12.60 -15.54
N GLU A 24 3.82 -11.53 -14.97
CA GLU A 24 4.54 -11.60 -13.70
C GLU A 24 3.88 -10.68 -12.68
N ALA A 25 3.90 -11.09 -11.41
CA ALA A 25 3.24 -10.33 -10.36
C ALA A 25 4.04 -10.38 -9.07
N ARG A 26 4.02 -9.29 -8.32
CA ARG A 26 4.63 -9.23 -7.00
C ARG A 26 3.68 -8.48 -6.07
N VAL A 27 3.62 -8.88 -4.79
CA VAL A 27 2.95 -8.07 -3.78
C VAL A 27 3.92 -7.00 -3.30
N VAL A 28 3.69 -5.74 -3.66
CA VAL A 28 4.62 -4.67 -3.30
C VAL A 28 4.19 -3.84 -2.08
N GLY A 29 2.96 -4.03 -1.63
CA GLY A 29 2.52 -3.36 -0.43
C GLY A 29 1.15 -3.77 0.02
N SER A 30 0.59 -2.99 0.93
CA SER A 30 -0.76 -3.22 1.42
C SER A 30 -1.19 -2.03 2.23
N GLU A 31 -2.49 -1.96 2.50
CA GLU A 31 -3.07 -0.86 3.25
C GLU A 31 -4.30 -1.33 3.98
N LEU A 32 -4.62 -0.68 5.08
CA LEU A 32 -5.79 -1.00 5.86
C LEU A 32 -6.48 0.31 6.20
N VAL A 33 -7.52 0.62 5.45
CA VAL A 33 -8.22 1.88 5.58
C VAL A 33 -9.45 1.62 6.43
N ASP A 34 -10.20 0.59 6.07
CA ASP A 34 -11.44 0.29 6.75
C ASP A 34 -11.45 -1.03 7.53
N THR A 35 -12.05 -2.04 6.92
CA THR A 35 -12.28 -3.30 7.59
C THR A 35 -11.24 -4.33 7.19
N TYR A 36 -10.95 -4.34 5.89
CA TYR A 36 -10.17 -5.40 5.29
C TYR A 36 -8.88 -4.87 4.74
N THR A 37 -7.81 -5.59 5.02
CA THR A 37 -6.53 -5.27 4.41
C THR A 37 -6.65 -5.42 2.90
N VAL A 38 -6.14 -4.43 2.19
CA VAL A 38 -6.09 -4.44 0.73
C VAL A 38 -4.62 -4.58 0.31
N TYR A 39 -4.37 -5.52 -0.58
CA TYR A 39 -3.00 -5.78 -1.03
C TYR A 39 -2.74 -5.09 -2.36
N ILE A 40 -1.54 -4.57 -2.51
CA ILE A 40 -1.13 -3.84 -3.71
C ILE A 40 -0.21 -4.74 -4.53
N ILE A 41 -0.66 -5.09 -5.73
CA ILE A 41 0.05 -6.09 -6.52
C ILE A 41 0.63 -5.41 -7.75
N GLN A 42 1.94 -5.50 -7.93
CA GLN A 42 2.53 -5.00 -9.16
C GLN A 42 2.56 -6.08 -10.24
N VAL A 43 2.04 -5.75 -11.41
CA VAL A 43 1.89 -6.72 -12.49
C VAL A 43 2.62 -6.22 -13.72
N THR A 44 3.19 -7.13 -14.50
CA THR A 44 3.65 -6.79 -15.85
C THR A 44 3.35 -7.88 -16.89
N ASP A 45 3.02 -7.48 -18.10
CA ASP A 45 2.91 -8.44 -19.20
C ASP A 45 4.05 -8.25 -20.22
N GLY A 46 5.06 -7.47 -19.83
CA GLY A 46 6.16 -7.16 -20.72
C GLY A 46 5.93 -5.93 -21.56
N SER A 47 4.66 -5.59 -21.81
CA SER A 47 4.30 -4.36 -22.51
C SER A 47 4.10 -3.20 -21.54
N HIS A 48 3.43 -3.48 -20.43
CA HIS A 48 3.17 -2.47 -19.41
C HIS A 48 3.47 -2.99 -18.02
N GLU A 49 3.59 -2.06 -17.08
CA GLU A 49 3.64 -2.41 -15.68
C GLU A 49 2.58 -1.59 -14.96
N TRP A 50 1.86 -2.22 -14.05
CA TRP A 50 0.78 -1.54 -13.34
C TRP A 50 0.57 -2.19 -11.98
N THR A 51 -0.30 -1.61 -11.16
CA THR A 51 -0.70 -2.25 -9.91
C THR A 51 -2.20 -2.50 -9.89
N VAL A 52 -2.60 -3.59 -9.23
CA VAL A 52 -3.99 -3.83 -8.92
C VAL A 52 -4.16 -4.04 -7.42
N LYS A 53 -5.33 -3.72 -6.90
CA LYS A 53 -5.64 -3.97 -5.49
C LYS A 53 -6.63 -5.10 -5.30
N HIS A 54 -6.31 -6.00 -4.39
CA HIS A 54 -7.19 -7.10 -4.04
C HIS A 54 -7.11 -7.42 -2.55
N ARG A 55 -8.25 -7.86 -2.00
CA ARG A 55 -8.30 -8.35 -0.62
C ARG A 55 -8.12 -9.87 -0.60
N TYR A 56 -7.86 -10.45 0.58
CA TYR A 56 -7.82 -11.91 0.73
C TYR A 56 -9.04 -12.58 0.09
N SER A 57 -10.23 -12.04 0.34
CA SER A 57 -11.46 -12.68 -0.14
C SER A 57 -11.45 -12.74 -1.67
N ASP A 58 -10.87 -11.72 -2.30
CA ASP A 58 -10.75 -11.73 -3.75
C ASP A 58 -9.83 -12.84 -4.21
N PHE A 59 -8.76 -13.07 -3.46
CA PHE A 59 -7.89 -14.18 -3.80
C PHE A 59 -8.61 -15.51 -3.60
N HIS A 60 -9.43 -15.58 -2.55
CA HIS A 60 -10.21 -16.79 -2.25
C HIS A 60 -11.27 -17.09 -3.33
N ASP A 61 -11.98 -16.06 -3.78
CA ASP A 61 -12.89 -16.20 -4.92
C ASP A 61 -12.13 -16.72 -6.16
N LEU A 62 -11.01 -16.07 -6.48
CA LEU A 62 -10.14 -16.49 -7.58
C LEU A 62 -9.77 -17.97 -7.46
N HIS A 63 -9.24 -18.33 -6.30
CA HIS A 63 -8.82 -19.70 -6.02
C HIS A 63 -9.96 -20.72 -6.16
N GLU A 64 -11.11 -20.45 -5.55
CA GLU A 64 -12.24 -21.34 -5.61
C GLU A 64 -12.69 -21.55 -7.05
N LYS A 65 -12.61 -20.49 -7.85
CA LYS A 65 -13.01 -20.59 -9.24
C LYS A 65 -12.03 -21.46 -10.04
N LEU A 66 -10.73 -21.30 -9.79
CA LEU A 66 -9.71 -22.11 -10.46
C LEU A 66 -9.76 -23.59 -10.06
N VAL A 67 -10.01 -23.85 -8.78
CA VAL A 67 -10.15 -25.22 -8.30
C VAL A 67 -11.34 -25.91 -8.99
N ALA A 68 -12.48 -25.23 -9.00
CA ALA A 68 -13.72 -25.78 -9.52
C ALA A 68 -13.59 -26.14 -11.00
N GLU A 69 -12.79 -25.39 -11.72
CA GLU A 69 -12.61 -25.63 -13.16
C GLU A 69 -11.42 -26.53 -13.43
N ARG A 70 -10.96 -27.21 -12.37
CA ARG A 70 -9.86 -28.17 -12.47
C ARG A 70 -8.62 -27.61 -13.15
N LYS A 71 -8.24 -26.39 -12.80
CA LYS A 71 -7.07 -25.75 -13.42
C LYS A 71 -5.88 -25.78 -12.46
N ILE A 72 -6.16 -25.85 -11.17
CA ILE A 72 -5.11 -26.03 -10.15
C ILE A 72 -5.46 -27.14 -9.17
N ASP A 73 -4.46 -27.59 -8.42
CA ASP A 73 -4.66 -28.60 -7.40
C ASP A 73 -5.38 -28.02 -6.18
N LYS A 74 -6.29 -28.80 -5.61
CA LYS A 74 -6.93 -28.43 -4.36
C LYS A 74 -5.85 -28.37 -3.28
N ASN A 75 -4.70 -28.96 -3.60
CA ASN A 75 -3.52 -28.95 -2.74
C ASN A 75 -2.97 -27.56 -2.44
N LEU A 76 -2.71 -26.78 -3.50
CA LEU A 76 -2.28 -25.40 -3.34
C LEU A 76 -3.40 -24.57 -2.72
N LEU A 77 -3.08 -23.79 -1.69
CA LEU A 77 -4.09 -23.01 -0.98
C LEU A 77 -3.67 -21.57 -0.71
N PRO A 78 -4.65 -20.64 -0.72
CA PRO A 78 -4.36 -19.25 -0.38
C PRO A 78 -4.21 -19.10 1.13
N PRO A 79 -3.68 -17.96 1.59
CA PRO A 79 -3.63 -17.61 3.01
C PRO A 79 -5.00 -17.66 3.66
N LYS A 80 -5.10 -18.30 4.82
CA LYS A 80 -6.35 -18.39 5.58
C LYS A 80 -6.99 -17.01 5.80
N LYS A 81 -8.30 -16.94 5.59
CA LYS A 81 -9.04 -15.70 5.84
C LYS A 81 -9.01 -15.33 7.33
N ILE A 82 -8.72 -14.07 7.61
CA ILE A 82 -8.73 -13.56 8.97
C ILE A 82 -10.14 -13.53 9.54
N ILE A 83 -10.34 -14.16 10.70
CA ILE A 83 -11.63 -14.12 11.38
C ILE A 83 -11.74 -12.83 12.20
N GLY A 84 -12.70 -11.98 11.85
CA GLY A 84 -12.92 -10.74 12.58
C GLY A 84 -12.15 -9.52 12.08
N LYS A 85 -11.93 -8.58 12.99
CA LYS A 85 -11.33 -7.30 12.62
C LYS A 85 -9.87 -7.45 12.16
N ASN A 86 -9.56 -6.90 10.99
CA ASN A 86 -8.19 -6.85 10.51
C ASN A 86 -7.42 -5.79 11.28
N SER A 87 -6.16 -6.08 11.56
CA SER A 87 -5.26 -5.08 12.13
C SER A 87 -3.99 -4.91 11.29
N ARG A 88 -3.38 -3.73 11.41
CA ARG A 88 -2.14 -3.47 10.72
C ARG A 88 -0.98 -4.19 11.43
N SER A 89 -0.77 -5.45 11.04
CA SER A 89 0.11 -6.34 11.79
C SER A 89 0.61 -7.46 10.90
N LEU A 90 1.79 -7.97 11.22
CA LEU A 90 2.41 -9.03 10.43
C LEU A 90 2.38 -8.70 8.94
N VAL A 91 2.56 -7.42 8.62
CA VAL A 91 2.49 -6.93 7.24
C VAL A 91 3.50 -7.65 6.33
N GLU A 92 4.77 -7.64 6.72
CA GLU A 92 5.80 -8.30 5.94
C GLU A 92 5.49 -9.78 5.65
N LYS A 93 5.16 -10.55 6.69
CA LYS A 93 4.86 -11.97 6.53
C LYS A 93 3.61 -12.21 5.67
N ARG A 94 2.56 -11.42 5.90
CA ARG A 94 1.34 -11.58 5.13
C ARG A 94 1.54 -11.24 3.65
N GLU A 95 2.30 -10.18 3.37
CA GLU A 95 2.60 -9.83 1.99
C GLU A 95 3.42 -10.93 1.29
N LYS A 96 4.48 -11.41 1.93
CA LYS A 96 5.30 -12.50 1.39
C LYS A 96 4.50 -13.79 1.16
N ASP A 97 3.70 -14.19 2.15
CA ASP A 97 2.88 -15.38 2.03
C ASP A 97 1.95 -15.28 0.83
N LEU A 98 1.30 -14.14 0.69
CA LEU A 98 0.42 -13.90 -0.44
C LEU A 98 1.18 -13.97 -1.75
N GLU A 99 2.40 -13.44 -1.78
CA GLU A 99 3.17 -13.40 -3.02
C GLU A 99 3.60 -14.81 -3.42
N VAL A 100 4.02 -15.60 -2.43
CA VAL A 100 4.37 -16.98 -2.68
C VAL A 100 3.20 -17.70 -3.32
N TYR A 101 2.01 -17.52 -2.76
CA TYR A 101 0.83 -18.15 -3.33
C TYR A 101 0.58 -17.67 -4.75
N LEU A 102 0.60 -16.36 -4.96
CA LEU A 102 0.28 -15.81 -6.27
C LEU A 102 1.27 -16.31 -7.34
N GLN A 103 2.54 -16.39 -6.99
CA GLN A 103 3.54 -16.78 -7.96
C GLN A 103 3.45 -18.26 -8.29
N LYS A 104 2.98 -19.06 -7.33
CA LYS A 104 2.67 -20.46 -7.58
C LYS A 104 1.51 -20.60 -8.55
N LEU A 105 0.49 -19.75 -8.40
CA LEU A 105 -0.62 -19.69 -9.35
C LEU A 105 -0.12 -19.46 -10.77
N LEU A 106 0.74 -18.46 -10.92
CA LEU A 106 1.27 -18.11 -12.22
C LEU A 106 2.17 -19.20 -12.79
N ALA A 107 2.97 -19.85 -11.94
CA ALA A 107 3.85 -20.92 -12.39
C ALA A 107 3.07 -22.16 -12.86
N ALA A 108 1.81 -22.26 -12.46
CA ALA A 108 0.97 -23.38 -12.90
C ALA A 108 0.54 -23.19 -14.35
N PHE A 109 0.70 -21.98 -14.88
CA PHE A 109 0.25 -21.68 -16.23
C PHE A 109 1.35 -21.02 -17.03
N PRO A 110 2.43 -21.77 -17.29
CA PRO A 110 3.57 -21.18 -18.00
C PRO A 110 3.17 -20.75 -19.40
N GLY A 111 3.60 -19.56 -19.81
CA GLY A 111 3.45 -19.12 -21.18
C GLY A 111 2.11 -18.54 -21.56
N VAL A 112 1.03 -19.09 -21.02
CA VAL A 112 -0.34 -18.67 -21.34
C VAL A 112 -1.25 -18.66 -20.10
N THR A 113 -1.95 -17.55 -19.90
CA THR A 113 -2.72 -17.30 -18.67
C THR A 113 -4.20 -17.57 -18.88
N PRO A 114 -4.83 -18.30 -17.94
CA PRO A 114 -6.30 -18.48 -18.02
C PRO A 114 -7.02 -17.14 -17.92
N ARG A 115 -8.10 -16.99 -18.69
CA ARG A 115 -8.87 -15.75 -18.73
C ARG A 115 -9.17 -15.15 -17.35
N VAL A 116 -9.60 -15.99 -16.41
CA VAL A 116 -10.02 -15.53 -15.09
C VAL A 116 -8.85 -14.96 -14.28
N LEU A 117 -7.67 -15.55 -14.45
CA LEU A 117 -6.46 -15.07 -13.77
C LEU A 117 -5.97 -13.76 -14.40
N ALA A 118 -6.04 -13.68 -15.73
CA ALA A 118 -5.66 -12.48 -16.45
C ALA A 118 -6.55 -11.32 -16.05
N HIS A 119 -7.83 -11.62 -15.85
CA HIS A 119 -8.79 -10.60 -15.47
C HIS A 119 -8.53 -10.09 -14.06
N PHE A 120 -8.30 -11.02 -13.13
CA PHE A 120 -7.89 -10.69 -11.77
C PHE A 120 -6.66 -9.76 -11.78
N LEU A 121 -5.71 -10.05 -12.67
CA LEU A 121 -4.44 -9.34 -12.67
C LEU A 121 -4.51 -7.95 -13.32
N HIS A 122 -5.54 -7.71 -14.11
CA HIS A 122 -5.70 -6.43 -14.80
C HIS A 122 -6.58 -5.40 -14.11
N PHE A 123 -7.51 -5.85 -13.26
CA PHE A 123 -8.49 -4.92 -12.68
C PHE A 123 -8.54 -5.06 -11.17
N HIS A 124 -8.69 -3.93 -10.48
CA HIS A 124 -8.90 -3.89 -9.04
C HIS A 124 -10.17 -4.63 -8.66
N PHE A 125 -10.23 -5.10 -7.42
CA PHE A 125 -11.42 -5.77 -6.88
C PHE A 125 -12.69 -4.92 -6.96
N TYR A 126 -12.55 -3.61 -6.84
CA TYR A 126 -13.70 -2.69 -6.86
C TYR A 126 -14.11 -2.24 -8.26
N GLU A 127 -13.39 -2.69 -9.29
CA GLU A 127 -13.73 -2.36 -10.66
C GLU A 127 -14.67 -3.39 -11.26
N SER B 22 -10.79 21.97 9.42
CA SER B 22 -9.52 21.53 9.98
C SER B 22 -9.11 20.19 9.39
N MET B 23 -7.81 19.91 9.43
CA MET B 23 -7.25 18.74 8.75
C MET B 23 -7.02 17.56 9.69
N GLU B 24 -7.35 16.36 9.20
CA GLU B 24 -7.04 15.13 9.91
C GLU B 24 -6.36 14.15 8.95
N ALA B 25 -5.43 13.35 9.46
CA ALA B 25 -4.71 12.43 8.59
C ALA B 25 -4.32 11.19 9.35
N ARG B 26 -4.27 10.08 8.63
CA ARG B 26 -3.65 8.88 9.19
C ARG B 26 -2.91 8.14 8.11
N VAL B 27 -1.87 7.42 8.51
CA VAL B 27 -1.05 6.67 7.57
C VAL B 27 -1.63 5.26 7.51
N VAL B 28 -2.28 4.92 6.39
CA VAL B 28 -3.08 3.68 6.31
C VAL B 28 -2.32 2.49 5.75
N GLY B 29 -1.15 2.75 5.16
CA GLY B 29 -0.38 1.69 4.56
C GLY B 29 0.85 2.21 3.87
N SER B 30 1.42 1.36 3.02
CA SER B 30 2.66 1.70 2.34
C SER B 30 2.93 0.67 1.26
N GLU B 31 3.80 1.02 0.33
CA GLU B 31 4.12 0.15 -0.78
C GLU B 31 5.58 0.41 -1.14
N LEU B 32 6.26 -0.64 -1.59
CA LEU B 32 7.66 -0.51 -1.93
C LEU B 32 7.82 -0.99 -3.35
N VAL B 33 7.88 -0.04 -4.29
CA VAL B 33 7.96 -0.37 -5.70
C VAL B 33 9.34 -0.09 -6.29
N ASP B 34 9.85 1.13 -6.08
CA ASP B 34 11.17 1.49 -6.58
C ASP B 34 12.27 1.13 -5.56
N THR B 35 12.99 2.15 -5.08
CA THR B 35 14.04 1.91 -4.09
C THR B 35 13.60 2.30 -2.67
N TYR B 36 12.66 3.23 -2.57
CA TYR B 36 12.18 3.64 -1.26
C TYR B 36 10.70 3.32 -1.04
N THR B 37 10.35 3.20 0.23
CA THR B 37 8.97 2.99 0.61
C THR B 37 8.16 4.26 0.40
N VAL B 38 6.95 4.06 -0.12
CA VAL B 38 6.00 5.14 -0.33
C VAL B 38 4.87 4.90 0.66
N TYR B 39 4.64 5.90 1.51
CA TYR B 39 3.58 5.81 2.51
C TYR B 39 2.27 6.40 2.00
N ILE B 40 1.19 5.75 2.40
CA ILE B 40 -0.14 6.04 1.91
C ILE B 40 -0.90 6.73 3.03
N ILE B 41 -1.27 7.98 2.79
CA ILE B 41 -1.81 8.82 3.84
C ILE B 41 -3.24 9.20 3.49
N GLN B 42 -4.18 8.81 4.35
CA GLN B 42 -5.55 9.23 4.18
C GLN B 42 -5.76 10.54 4.90
N VAL B 43 -6.39 11.49 4.20
CA VAL B 43 -6.53 12.86 4.69
C VAL B 43 -7.99 13.30 4.59
N THR B 44 -8.44 14.08 5.56
CA THR B 44 -9.74 14.74 5.42
C THR B 44 -9.68 16.18 5.93
N ASP B 45 -10.31 17.08 5.17
CA ASP B 45 -10.46 18.48 5.57
C ASP B 45 -11.82 18.75 6.20
N GLY B 46 -12.61 17.68 6.36
CA GLY B 46 -13.96 17.78 6.91
C GLY B 46 -15.02 17.78 5.81
N SER B 47 -14.59 18.08 4.59
CA SER B 47 -15.52 18.17 3.45
C SER B 47 -15.39 16.94 2.54
N HIS B 48 -14.15 16.47 2.36
CA HIS B 48 -13.86 15.30 1.55
C HIS B 48 -12.82 14.44 2.25
N GLU B 49 -12.50 13.31 1.64
CA GLU B 49 -11.32 12.57 2.05
C GLU B 49 -10.62 12.00 0.83
N TRP B 50 -9.29 12.00 0.89
CA TRP B 50 -8.45 11.60 -0.22
C TRP B 50 -7.14 11.01 0.29
N THR B 51 -6.30 10.59 -0.65
CA THR B 51 -5.05 9.93 -0.33
C THR B 51 -3.89 10.72 -0.93
N VAL B 52 -2.81 10.89 -0.17
CA VAL B 52 -1.54 11.36 -0.72
C VAL B 52 -0.44 10.36 -0.40
N LYS B 53 0.56 10.30 -1.27
CA LYS B 53 1.69 9.39 -1.12
C LYS B 53 2.98 10.15 -0.89
N HIS B 54 3.73 9.76 0.13
CA HIS B 54 5.04 10.37 0.42
C HIS B 54 6.02 9.34 0.99
N ARG B 55 7.30 9.51 0.65
CA ARG B 55 8.38 8.72 1.20
C ARG B 55 8.80 9.26 2.55
N TYR B 56 9.51 8.46 3.34
CA TYR B 56 10.01 8.91 4.63
C TYR B 56 10.80 10.21 4.44
N SER B 57 11.65 10.26 3.42
CA SER B 57 12.50 11.43 3.20
C SER B 57 11.65 12.70 2.98
N ASP B 58 10.45 12.53 2.46
CA ASP B 58 9.58 13.67 2.20
C ASP B 58 9.02 14.28 3.49
N PHE B 59 8.84 13.47 4.53
CA PHE B 59 8.44 14.00 5.83
C PHE B 59 9.57 14.83 6.42
N HIS B 60 10.80 14.45 6.12
CA HIS B 60 11.96 15.18 6.64
C HIS B 60 12.13 16.51 5.92
N ASP B 61 11.91 16.52 4.61
CA ASP B 61 11.96 17.76 3.83
C ASP B 61 10.88 18.74 4.31
N LEU B 62 9.68 18.23 4.53
CA LEU B 62 8.58 19.03 5.06
C LEU B 62 8.95 19.66 6.40
N HIS B 63 9.50 18.85 7.29
CA HIS B 63 9.90 19.32 8.60
C HIS B 63 10.90 20.47 8.48
N GLU B 64 11.89 20.29 7.61
CA GLU B 64 12.93 21.30 7.42
C GLU B 64 12.41 22.62 6.85
N LYS B 65 11.48 22.54 5.91
CA LYS B 65 10.84 23.73 5.38
C LYS B 65 10.04 24.47 6.45
N LEU B 66 9.36 23.73 7.31
CA LEU B 66 8.60 24.32 8.40
C LEU B 66 9.53 24.98 9.44
N VAL B 67 10.67 24.34 9.72
CA VAL B 67 11.67 24.92 10.62
C VAL B 67 12.27 26.20 9.99
N ALA B 68 12.54 26.15 8.70
CA ALA B 68 13.16 27.27 8.02
C ALA B 68 12.22 28.46 7.96
N GLU B 69 10.91 28.19 7.78
CA GLU B 69 9.90 29.24 7.86
C GLU B 69 9.57 29.68 9.28
N ARG B 70 10.22 29.04 10.25
CA ARG B 70 10.03 29.36 11.65
C ARG B 70 8.56 29.21 12.09
N LYS B 71 7.89 28.17 11.56
CA LYS B 71 6.49 27.90 11.87
C LYS B 71 6.34 26.90 13.02
N ILE B 72 7.37 26.10 13.23
CA ILE B 72 7.36 25.12 14.32
C ILE B 72 8.62 25.28 15.18
N ASP B 73 8.53 24.84 16.43
CA ASP B 73 9.63 24.98 17.37
C ASP B 73 10.67 23.87 17.20
N LYS B 74 11.89 24.12 17.68
CA LYS B 74 12.90 23.09 17.77
C LYS B 74 12.44 22.04 18.78
N ASN B 75 11.27 22.31 19.38
CA ASN B 75 10.67 21.44 20.37
C ASN B 75 9.80 20.35 19.74
N LEU B 76 9.77 20.30 18.42
CA LEU B 76 9.15 19.20 17.69
C LEU B 76 10.21 18.58 16.79
N LEU B 77 10.60 17.35 17.10
CA LEU B 77 11.64 16.67 16.34
C LEU B 77 11.03 16.01 15.10
N PRO B 78 11.81 15.86 14.03
CA PRO B 78 11.30 15.13 12.86
C PRO B 78 11.10 13.66 13.22
N PRO B 79 10.30 12.94 12.43
CA PRO B 79 10.08 11.52 12.74
C PRO B 79 11.37 10.71 12.58
N LYS B 80 11.69 9.86 13.56
CA LYS B 80 12.90 9.07 13.51
C LYS B 80 12.68 7.69 12.85
N LYS B 81 13.34 7.49 11.71
CA LYS B 81 13.19 6.26 10.93
C LYS B 81 13.82 5.05 11.63
N ILE B 82 13.05 3.97 11.76
CA ILE B 82 13.64 2.71 12.21
C ILE B 82 13.63 1.70 11.08
N ILE B 83 14.76 1.02 10.91
CA ILE B 83 14.96 0.07 9.83
C ILE B 83 15.12 -1.34 10.39
N GLY B 84 14.67 -2.34 9.64
CA GLY B 84 14.84 -3.74 10.02
C GLY B 84 15.67 -4.54 9.02
N LYS B 85 15.62 -5.87 9.14
CA LYS B 85 16.40 -6.76 8.25
C LYS B 85 16.03 -6.60 6.78
N ASN B 86 14.73 -6.67 6.49
CA ASN B 86 14.25 -6.54 5.13
C ASN B 86 13.50 -5.23 4.92
N SER B 87 13.24 -4.85 3.68
CA SER B 87 12.68 -3.53 3.41
C SER B 87 11.24 -3.36 3.92
N ARG B 88 10.49 -4.45 4.02
CA ARG B 88 9.16 -4.42 4.61
C ARG B 88 9.15 -4.66 6.13
N SER B 89 10.30 -5.01 6.70
CA SER B 89 10.43 -5.21 8.14
C SER B 89 10.08 -3.95 8.94
N LEU B 90 9.29 -4.13 10.00
CA LEU B 90 8.93 -3.06 10.92
C LEU B 90 8.12 -1.92 10.27
N VAL B 91 7.56 -2.19 9.10
CA VAL B 91 6.90 -1.13 8.35
C VAL B 91 5.69 -0.54 9.12
N GLU B 92 4.97 -1.38 9.89
CA GLU B 92 3.82 -0.88 10.66
C GLU B 92 4.25 0.16 11.69
N LYS B 93 5.48 0.02 12.16
CA LYS B 93 6.05 0.90 13.15
C LYS B 93 6.45 2.24 12.50
N ARG B 94 7.04 2.16 11.31
CA ARG B 94 7.31 3.38 10.53
C ARG B 94 6.01 4.12 10.17
N GLU B 95 4.97 3.38 9.76
CA GLU B 95 3.70 4.02 9.41
C GLU B 95 3.14 4.77 10.62
N LYS B 96 3.21 4.15 11.80
CA LYS B 96 2.73 4.77 13.04
C LYS B 96 3.56 5.98 13.46
N ASP B 97 4.89 5.85 13.36
CA ASP B 97 5.76 6.96 13.72
C ASP B 97 5.45 8.17 12.86
N LEU B 98 5.20 7.94 11.57
CA LEU B 98 4.94 9.04 10.66
C LEU B 98 3.57 9.66 10.94
N GLU B 99 2.59 8.81 11.24
CA GLU B 99 1.27 9.30 11.59
C GLU B 99 1.32 10.13 12.88
N VAL B 100 2.02 9.62 13.89
CA VAL B 100 2.17 10.33 15.15
C VAL B 100 2.80 11.72 14.91
N TYR B 101 3.88 11.76 14.13
CA TYR B 101 4.51 13.03 13.79
C TYR B 101 3.56 13.96 13.03
N LEU B 102 2.84 13.40 12.05
CA LEU B 102 1.95 14.21 11.22
C LEU B 102 0.75 14.76 11.99
N GLN B 103 0.24 13.97 12.92
CA GLN B 103 -0.85 14.44 13.77
C GLN B 103 -0.41 15.56 14.72
N LYS B 104 0.82 15.49 15.23
CA LYS B 104 1.40 16.64 15.97
C LYS B 104 1.41 17.93 15.14
N LEU B 105 1.96 17.87 13.91
CA LEU B 105 1.93 19.02 13.00
C LEU B 105 0.51 19.59 12.82
N LEU B 106 -0.47 18.72 12.65
CA LEU B 106 -1.84 19.15 12.42
C LEU B 106 -2.46 19.77 13.68
N ALA B 107 -2.19 19.17 14.83
CA ALA B 107 -2.60 19.75 16.12
C ALA B 107 -1.99 21.14 16.29
N ALA B 108 -0.77 21.31 15.81
CA ALA B 108 -0.04 22.58 15.95
C ALA B 108 -0.59 23.70 15.06
N PHE B 109 -1.36 23.32 14.04
CA PHE B 109 -1.97 24.29 13.12
C PHE B 109 -3.46 24.03 12.97
N PRO B 110 -4.24 24.32 14.03
CA PRO B 110 -5.65 23.97 14.13
C PRO B 110 -6.48 24.60 13.02
N GLY B 111 -6.18 25.85 12.69
CA GLY B 111 -6.91 26.58 11.66
C GLY B 111 -6.18 26.65 10.33
N VAL B 112 -5.66 27.84 10.00
CA VAL B 112 -4.92 28.02 8.76
C VAL B 112 -3.66 27.16 8.75
N THR B 113 -3.54 26.33 7.73
CA THR B 113 -2.35 25.50 7.55
C THR B 113 -1.34 26.25 6.68
N PRO B 114 -0.07 26.31 7.13
CA PRO B 114 1.01 26.89 6.31
C PRO B 114 1.01 26.23 4.93
N ARG B 115 1.36 26.97 3.87
CA ARG B 115 1.20 26.44 2.53
C ARG B 115 2.00 25.15 2.23
N VAL B 116 3.23 25.05 2.75
CA VAL B 116 4.03 23.83 2.50
C VAL B 116 3.40 22.58 3.11
N LEU B 117 2.76 22.71 4.27
CA LEU B 117 1.99 21.63 4.87
C LEU B 117 0.74 21.30 4.02
N ALA B 118 0.04 22.34 3.56
CA ALA B 118 -1.12 22.16 2.69
C ALA B 118 -0.77 21.42 1.39
N HIS B 119 0.40 21.72 0.82
CA HIS B 119 0.85 21.02 -0.35
C HIS B 119 1.04 19.53 -0.03
N PHE B 120 1.74 19.26 1.06
CA PHE B 120 2.00 17.89 1.48
C PHE B 120 0.68 17.12 1.64
N LEU B 121 -0.33 17.76 2.21
CA LEU B 121 -1.60 17.11 2.49
C LEU B 121 -2.52 16.98 1.27
N HIS B 122 -2.17 17.66 0.17
CA HIS B 122 -3.01 17.66 -1.02
C HIS B 122 -2.38 17.04 -2.26
N PHE B 123 -1.05 17.01 -2.33
CA PHE B 123 -0.36 16.48 -3.52
C PHE B 123 0.58 15.32 -3.14
N HIS B 124 0.85 14.42 -4.10
CA HIS B 124 1.86 13.38 -3.91
C HIS B 124 3.27 13.95 -3.96
N PHE B 125 4.23 13.22 -3.40
CA PHE B 125 5.61 13.69 -3.40
C PHE B 125 6.08 14.00 -4.83
N TYR B 126 5.60 13.23 -5.81
CA TYR B 126 6.07 13.42 -7.20
C TYR B 126 5.46 14.63 -7.92
N GLU B 127 4.47 15.25 -7.28
CA GLU B 127 3.84 16.44 -7.85
C GLU B 127 4.37 17.69 -7.17
N ILE B 128 5.07 17.53 -6.05
CA ILE B 128 5.56 18.68 -5.29
C ILE B 128 6.97 19.05 -5.73
N ASN B 129 7.15 20.29 -6.18
CA ASN B 129 8.44 20.77 -6.65
C ASN B 129 8.79 22.16 -6.11
C1 GOL C . -2.59 -8.62 -21.01
O1 GOL C . -1.28 -9.10 -21.21
C2 GOL C . -3.06 -7.79 -22.18
O2 GOL C . -4.47 -7.72 -22.19
C3 GOL C . -2.54 -8.41 -23.48
O3 GOL C . -1.64 -7.51 -24.13
C1 GOL D . 9.95 5.72 -3.94
O1 GOL D . 11.33 5.51 -3.78
C2 GOL D . 9.69 6.48 -5.25
O2 GOL D . 10.92 6.82 -5.85
C3 GOL D . 8.83 5.65 -6.23
O3 GOL D . 7.96 4.76 -5.56
#